data_4A90
#
_entry.id   4A90
#
_cell.length_a   95.420
_cell.length_b   65.140
_cell.length_c   61.610
_cell.angle_alpha   90.00
_cell.angle_beta   119.40
_cell.angle_gamma   90.00
#
_symmetry.space_group_name_H-M   'C 1 2 1'
#
loop_
_entity.id
_entity.type
_entity.pdbx_description
1 polymer 'HISTONE DEACETYLASE COMPLEX SUBUNIT SAP18'
2 non-polymer GLYCEROL
3 water water
#
_entity_poly.entity_id   1
_entity_poly.type   'polypeptide(L)'
_entity_poly.pdbx_seq_one_letter_code
;MAVESRVTQEEIKKEPEKPIDREKTCPLLLRVFTTNNGRHHRMDEFSRGNVPSSELQIYTWMDATLKELTSLVKEVYPEA
RKKGTHFNFAIVFMDLKRPGYRVKEIGSTMSGRKGTDDSMTLQSQKFQIGDYLDIAITPPNRA
;
_entity_poly.pdbx_strand_id   A,B
#
loop_
_chem_comp.id
_chem_comp.type
_chem_comp.name
_chem_comp.formula
GOL non-polymer GLYCEROL 'C3 H8 O3'
#
# COMPACT_ATOMS: atom_id res chain seq x y z
N GLU A 4 34.95 -1.54 -4.61
CA GLU A 4 33.85 -0.99 -5.40
C GLU A 4 34.33 -0.38 -6.73
N SER A 5 33.84 -0.95 -7.84
CA SER A 5 34.14 -0.44 -9.16
C SER A 5 33.45 0.91 -9.34
N ARG A 6 33.99 1.74 -10.23
CA ARG A 6 33.54 3.13 -10.36
C ARG A 6 33.40 3.49 -11.83
N VAL A 7 32.34 4.18 -12.18
CA VAL A 7 32.16 4.62 -13.57
C VAL A 7 32.17 6.14 -13.66
N THR A 8 32.85 6.64 -14.68
CA THR A 8 32.91 8.06 -14.99
C THR A 8 32.55 8.33 -16.44
N GLN A 9 32.12 9.55 -16.72
CA GLN A 9 31.64 9.97 -18.05
C GLN A 9 32.05 11.42 -18.35
N GLU A 10 32.27 11.75 -19.63
CA GLU A 10 32.62 13.13 -19.98
C GLU A 10 31.39 13.98 -19.66
N GLU A 11 31.58 15.12 -19.02
CA GLU A 11 30.46 15.93 -18.58
C GLU A 11 29.94 16.89 -19.67
N ILE A 12 30.59 16.88 -20.84
CA ILE A 12 30.18 17.76 -21.94
C ILE A 12 29.01 17.17 -22.74
N PRO A 16 19.66 14.32 -21.07
CA PRO A 16 19.86 14.06 -19.64
C PRO A 16 18.83 13.13 -19.03
N GLU A 17 18.53 13.37 -17.76
CA GLU A 17 17.53 12.60 -17.05
C GLU A 17 16.19 12.92 -17.73
N LYS A 18 15.18 12.06 -17.72
CA LYS A 18 13.98 12.44 -18.46
C LYS A 18 12.77 12.39 -17.55
N PRO A 19 11.76 13.25 -17.83
CA PRO A 19 10.46 13.29 -17.17
C PRO A 19 9.58 12.08 -17.44
N ILE A 20 8.71 11.78 -16.48
CA ILE A 20 7.69 10.77 -16.69
C ILE A 20 6.51 11.49 -17.36
N ASP A 21 5.88 10.90 -18.38
CA ASP A 21 4.57 11.42 -18.80
C ASP A 21 3.56 10.96 -17.76
N ARG A 22 3.34 11.80 -16.77
CA ARG A 22 2.48 11.47 -15.65
C ARG A 22 1.05 11.23 -16.10
N GLU A 23 0.69 11.90 -17.20
CA GLU A 23 -0.65 11.79 -17.75
C GLU A 23 -0.92 10.40 -18.33
N LYS A 24 0.13 9.72 -18.81
CA LYS A 24 -0.01 8.39 -19.40
C LYS A 24 0.51 7.25 -18.51
N THR A 25 0.90 7.56 -17.27
CA THR A 25 1.50 6.59 -16.36
C THR A 25 0.77 6.44 -15.02
N CYS A 26 0.37 5.25 -14.68
CA CYS A 26 -0.20 5.07 -13.35
C CYS A 26 0.77 5.41 -12.24
N PRO A 27 0.30 6.13 -11.24
CA PRO A 27 1.19 6.45 -10.12
C PRO A 27 1.55 5.27 -9.28
N LEU A 28 2.70 5.35 -8.64
CA LEU A 28 3.11 4.34 -7.69
C LEU A 28 2.68 4.79 -6.31
N LEU A 29 2.56 3.79 -5.46
CA LEU A 29 2.22 3.97 -4.08
C LEU A 29 3.43 3.95 -3.19
N LEU A 30 3.72 5.09 -2.61
CA LEU A 30 4.92 5.23 -1.79
C LEU A 30 4.49 5.22 -0.31
N ARG A 31 5.10 4.38 0.52
CA ARG A 31 4.78 4.39 1.96
C ARG A 31 5.93 5.19 2.60
N VAL A 32 5.55 6.28 3.26
CA VAL A 32 6.49 7.24 3.83
C VAL A 32 6.39 7.23 5.35
N PHE A 33 7.53 7.03 5.99
CA PHE A 33 7.55 7.06 7.45
C PHE A 33 8.31 8.30 7.92
N THR A 34 7.88 8.88 9.06
CA THR A 34 8.45 10.08 9.52
C THR A 34 8.80 10.06 11.01
N THR A 35 9.77 10.86 11.40
CA THR A 35 10.15 11.10 12.79
C THR A 35 10.32 12.57 13.10
N ASN A 36 10.26 12.93 14.38
CA ASN A 36 10.66 14.28 14.80
C ASN A 36 11.67 14.28 15.95
N ASN A 37 12.42 13.19 16.15
CA ASN A 37 13.39 13.15 17.25
C ASN A 37 14.80 13.41 16.83
N GLY A 38 15.04 13.67 15.55
CA GLY A 38 16.40 13.98 15.18
C GLY A 38 17.09 12.81 14.55
N ARG A 39 16.36 11.70 14.33
CA ARG A 39 17.00 10.62 13.60
C ARG A 39 16.00 9.87 12.80
N HIS A 40 16.53 9.10 11.85
CA HIS A 40 15.72 8.23 11.01
C HIS A 40 15.20 7.09 11.83
N HIS A 41 14.13 6.46 11.39
CA HIS A 41 13.71 5.16 11.99
C HIS A 41 14.90 4.22 11.89
N ARG A 42 15.10 3.40 12.91
CA ARG A 42 16.17 2.40 12.87
C ARG A 42 15.78 1.19 12.03
N MET A 43 16.76 0.47 11.52
CA MET A 43 16.40 -0.67 10.70
C MET A 43 15.73 -1.81 11.48
N ASP A 44 15.95 -1.89 12.79
CA ASP A 44 15.24 -2.91 13.56
C ASP A 44 13.75 -2.67 13.56
N GLU A 45 13.37 -1.44 13.23
CA GLU A 45 11.97 -1.10 13.17
C GLU A 45 11.29 -1.65 11.91
N PHE A 46 12.10 -2.15 10.97
CA PHE A 46 11.56 -2.74 9.76
C PHE A 46 11.88 -4.24 9.72
N SER A 47 12.30 -4.82 10.84
CA SER A 47 12.74 -6.20 10.78
C SER A 47 11.60 -7.13 11.13
N ARG A 48 11.80 -8.39 10.79
CA ARG A 48 10.88 -9.43 11.16
C ARG A 48 9.42 -9.11 10.73
N GLY A 49 9.26 -8.41 9.60
CA GLY A 49 7.94 -8.13 9.04
C GLY A 49 7.16 -6.96 9.64
N ASN A 50 7.80 -6.18 10.46
CA ASN A 50 7.12 -5.06 11.11
C ASN A 50 7.48 -3.71 10.44
N VAL A 51 6.61 -2.69 10.50
CA VAL A 51 7.03 -1.30 10.17
C VAL A 51 6.57 -0.33 11.26
N PRO A 52 7.18 0.86 11.33
CA PRO A 52 6.88 2.05 12.15
C PRO A 52 5.45 2.58 12.04
N SER A 53 4.93 3.13 13.12
CA SER A 53 3.53 3.55 13.14
C SER A 53 3.29 4.91 12.45
N SER A 54 4.24 5.82 12.58
CA SER A 54 4.21 7.09 11.87
C SER A 54 4.27 6.86 10.37
N GLU A 55 3.13 7.01 9.69
CA GLU A 55 3.14 6.82 8.26
C GLU A 55 2.08 7.59 7.48
N LEU A 56 2.51 7.87 6.26
CA LEU A 56 1.84 8.56 5.15
C LEU A 56 1.85 7.78 3.88
N GLN A 57 0.79 7.89 3.07
CA GLN A 57 0.78 7.26 1.76
C GLN A 57 0.88 8.34 0.65
N ILE A 58 1.68 8.18 -0.40
CA ILE A 58 1.76 9.29 -1.36
C ILE A 58 1.58 8.53 -2.67
N TYR A 59 0.73 9.06 -3.54
CA TYR A 59 0.65 8.59 -4.91
C TYR A 59 1.51 9.49 -5.71
N THR A 60 2.48 8.96 -6.44
CA THR A 60 3.40 9.84 -7.18
C THR A 60 4.02 9.06 -8.32
N TRP A 61 5.10 9.58 -8.87
CA TRP A 61 5.78 8.96 -9.99
C TRP A 61 7.27 8.91 -9.72
N MET A 62 8.00 8.22 -10.57
CA MET A 62 9.42 8.01 -10.36
C MET A 62 10.22 9.32 -10.45
N ASP A 63 9.64 10.36 -11.03
CA ASP A 63 10.35 11.63 -11.12
C ASP A 63 9.92 12.64 -10.04
N ALA A 64 9.25 12.13 -9.01
CA ALA A 64 8.94 12.95 -7.86
C ALA A 64 10.26 13.52 -7.30
N THR A 65 10.24 14.80 -6.95
CA THR A 65 11.43 15.43 -6.38
C THR A 65 11.34 15.58 -4.86
N LEU A 66 12.47 15.78 -4.19
CA LEU A 66 12.41 16.01 -2.75
C LEU A 66 11.53 17.20 -2.48
N LYS A 67 11.60 18.22 -3.32
CA LYS A 67 10.79 19.37 -3.07
C LYS A 67 9.30 19.09 -3.16
N GLU A 68 8.91 18.31 -4.17
CA GLU A 68 7.52 17.93 -4.39
C GLU A 68 7.05 17.11 -3.18
N LEU A 69 7.92 16.27 -2.68
CA LEU A 69 7.59 15.39 -1.59
C LEU A 69 7.49 16.18 -0.31
N THR A 70 8.33 17.21 -0.16
CA THR A 70 8.28 18.03 1.00
C THR A 70 7.01 18.85 1.09
N SER A 71 6.40 19.20 -0.05
CA SER A 71 5.21 20.05 -0.04
C SER A 71 4.02 19.18 0.40
N LEU A 72 4.08 17.89 0.07
CA LEU A 72 3.01 16.99 0.49
C LEU A 72 3.06 16.72 1.97
N VAL A 73 4.27 16.57 2.49
CA VAL A 73 4.41 16.41 3.92
C VAL A 73 3.90 17.65 4.66
N LYS A 74 4.20 18.84 4.13
CA LYS A 74 3.72 20.06 4.78
C LYS A 74 2.20 20.27 4.83
N GLU A 75 1.48 19.73 3.85
CA GLU A 75 0.01 19.76 3.84
C GLU A 75 -0.50 18.98 5.04
N VAL A 76 0.22 17.94 5.44
CA VAL A 76 -0.23 17.05 6.50
C VAL A 76 0.33 17.35 7.91
N TYR A 77 1.51 17.93 8.02
CA TYR A 77 2.01 18.32 9.34
C TYR A 77 2.08 19.84 9.43
N PRO A 78 1.10 20.45 10.10
CA PRO A 78 1.05 21.89 9.82
C PRO A 78 2.26 22.56 10.41
N GLU A 79 2.74 21.94 11.48
CA GLU A 79 3.90 22.44 12.21
C GLU A 79 5.18 22.36 11.39
N ALA A 80 5.19 21.53 10.36
CA ALA A 80 6.35 21.44 9.47
C ALA A 80 6.40 22.67 8.55
N ARG A 81 5.38 23.51 8.64
CA ARG A 81 5.23 24.65 7.75
C ARG A 81 6.32 25.72 7.92
N LYS A 82 6.71 25.94 9.18
CA LYS A 82 7.59 27.05 9.55
C LYS A 82 8.89 27.12 8.72
N LYS A 83 9.35 28.34 8.42
CA LYS A 83 10.53 28.54 7.60
C LYS A 83 11.79 27.97 8.28
N GLY A 84 12.60 27.22 7.54
CA GLY A 84 13.83 26.67 8.09
C GLY A 84 13.68 25.24 8.60
N THR A 85 12.45 24.75 8.65
CA THR A 85 12.22 23.36 9.08
C THR A 85 12.94 22.40 8.13
N HIS A 86 13.60 21.39 8.70
CA HIS A 86 14.52 20.53 7.97
C HIS A 86 13.90 19.19 7.70
N PHE A 87 13.93 18.76 6.45
CA PHE A 87 13.42 17.45 6.07
C PHE A 87 14.60 16.64 5.57
N ASN A 88 14.98 15.60 6.28
CA ASN A 88 16.05 14.78 5.82
CA ASN A 88 16.07 14.72 5.81
C ASN A 88 15.53 13.42 5.27
N PHE A 89 15.81 13.16 3.99
CA PHE A 89 15.22 12.01 3.30
C PHE A 89 16.16 10.79 3.22
N ALA A 90 15.58 9.58 3.37
CA ALA A 90 16.28 8.31 3.24
C ALA A 90 15.43 7.28 2.52
N ILE A 91 16.08 6.40 1.80
CA ILE A 91 15.40 5.25 1.20
C ILE A 91 15.67 4.03 2.05
N VAL A 92 14.59 3.32 2.38
CA VAL A 92 14.68 2.09 3.16
C VAL A 92 14.43 0.94 2.23
N PHE A 93 15.41 0.04 2.09
CA PHE A 93 15.24 -0.99 1.09
C PHE A 93 15.72 -2.38 1.54
N MET A 94 15.10 -3.42 0.97
CA MET A 94 15.41 -4.83 1.31
C MET A 94 16.85 -5.12 0.90
N ASP A 95 17.67 -5.76 1.73
CA ASP A 95 19.00 -6.07 1.24
C ASP A 95 18.90 -7.34 0.40
N GLY A 100 17.74 -8.34 6.28
CA GLY A 100 16.57 -7.48 6.26
C GLY A 100 16.85 -6.13 5.66
N TYR A 101 16.14 -5.11 6.14
CA TYR A 101 16.19 -3.80 5.49
C TYR A 101 17.45 -3.01 5.74
N ARG A 102 17.69 -2.04 4.89
CA ARG A 102 18.83 -1.15 5.07
C ARG A 102 18.43 0.27 4.72
N VAL A 103 19.36 1.19 4.94
CA VAL A 103 19.09 2.61 4.78
C VAL A 103 20.17 3.36 4.05
N LYS A 104 19.72 4.43 3.43
CA LYS A 104 20.61 5.25 2.70
C LYS A 104 19.98 6.60 2.64
N GLU A 105 20.62 7.51 3.35
CA GLU A 105 20.25 8.88 3.32
C GLU A 105 20.47 9.37 1.90
N ILE A 106 19.56 10.18 1.38
CA ILE A 106 19.71 10.61 -0.01
C ILE A 106 19.86 12.14 -0.15
N GLY A 107 19.25 12.91 0.75
CA GLY A 107 19.29 14.37 0.62
C GLY A 107 18.36 15.05 1.61
N SER A 108 18.37 16.36 1.62
CA SER A 108 17.52 17.12 2.52
CA SER A 108 17.59 17.16 2.57
C SER A 108 17.01 18.39 1.89
N THR A 109 15.92 18.88 2.45
CA THR A 109 15.34 20.16 2.06
C THR A 109 15.03 20.98 3.31
N MET A 110 14.69 22.23 3.14
CA MET A 110 14.01 22.93 4.23
C MET A 110 12.95 23.84 3.66
N SER A 111 11.97 24.14 4.49
CA SER A 111 10.81 24.88 4.00
C SER A 111 11.11 26.38 3.90
N GLY A 112 10.66 26.98 2.81
CA GLY A 112 10.86 28.39 2.55
C GLY A 112 12.24 28.71 2.00
N ARG A 113 13.00 27.67 1.69
CA ARG A 113 14.36 27.83 1.19
C ARG A 113 14.73 26.95 0.01
N LYS A 114 15.46 27.54 -0.93
CA LYS A 114 15.98 26.77 -2.05
C LYS A 114 17.25 26.02 -1.63
N GLY A 115 17.35 24.75 -1.99
CA GLY A 115 18.53 23.97 -1.64
C GLY A 115 18.94 23.11 -2.83
N THR A 116 20.16 22.62 -2.79
CA THR A 116 20.79 21.88 -3.88
C THR A 116 20.19 20.49 -4.11
N ASP A 117 19.42 19.97 -3.15
CA ASP A 117 18.83 18.66 -3.36
C ASP A 117 17.37 18.76 -3.77
N ASP A 118 16.84 19.97 -3.96
CA ASP A 118 15.41 20.16 -4.20
C ASP A 118 14.92 19.38 -5.41
N SER A 119 15.73 19.26 -6.45
CA SER A 119 15.27 18.61 -7.68
C SER A 119 15.75 17.16 -7.81
N MET A 120 16.37 16.65 -6.77
CA MET A 120 16.75 15.26 -6.71
C MET A 120 15.48 14.38 -6.79
N THR A 121 15.48 13.43 -7.70
CA THR A 121 14.30 12.58 -7.94
C THR A 121 14.44 11.18 -7.36
N LEU A 122 13.30 10.53 -7.11
CA LEU A 122 13.34 9.13 -6.73
C LEU A 122 14.14 8.30 -7.73
N GLN A 123 13.90 8.49 -9.02
CA GLN A 123 14.60 7.71 -10.04
CA GLN A 123 14.59 7.70 -10.04
C GLN A 123 16.11 7.89 -10.05
N SER A 124 16.60 9.12 -9.79
CA SER A 124 18.05 9.36 -9.74
C SER A 124 18.74 8.61 -8.59
N GLN A 125 17.99 8.25 -7.55
CA GLN A 125 18.57 7.60 -6.38
C GLN A 125 18.40 6.09 -6.39
N LYS A 126 17.99 5.55 -7.52
CA LYS A 126 17.81 4.11 -7.72
C LYS A 126 16.75 3.54 -6.80
N PHE A 127 15.76 4.38 -6.51
CA PHE A 127 14.58 3.95 -5.83
C PHE A 127 13.99 2.81 -6.66
N GLN A 128 13.54 1.74 -6.01
CA GLN A 128 12.87 0.64 -6.68
C GLN A 128 11.52 0.54 -6.03
N ILE A 129 10.50 0.18 -6.80
CA ILE A 129 9.19 0.15 -6.23
C ILE A 129 9.15 -0.94 -5.17
N GLY A 130 8.40 -0.70 -4.09
CA GLY A 130 8.51 -1.63 -2.99
C GLY A 130 9.29 -1.03 -1.83
N ASP A 131 10.22 -0.14 -2.15
CA ASP A 131 10.95 0.56 -1.09
C ASP A 131 10.08 1.55 -0.37
N TYR A 132 10.56 1.92 0.82
CA TYR A 132 9.96 2.96 1.59
C TYR A 132 10.85 4.20 1.63
N LEU A 133 10.19 5.30 1.90
CA LEU A 133 10.85 6.58 2.15
C LEU A 133 10.75 6.94 3.62
N ASP A 134 11.87 7.34 4.21
CA ASP A 134 11.90 7.73 5.62
C ASP A 134 12.30 9.21 5.72
N ILE A 135 11.52 10.02 6.41
CA ILE A 135 11.81 11.44 6.54
C ILE A 135 11.99 11.82 7.99
N ALA A 136 13.20 12.26 8.35
CA ALA A 136 13.48 12.77 9.69
C ALA A 136 13.29 14.25 9.67
N ILE A 137 12.34 14.71 10.45
CA ILE A 137 11.98 16.12 10.44
C ILE A 137 12.50 16.84 11.69
N THR A 138 13.14 18.01 11.51
CA THR A 138 13.67 18.77 12.66
C THR A 138 13.30 20.26 12.57
N PRO A 139 13.19 20.93 13.74
CA PRO A 139 12.76 22.33 13.70
C PRO A 139 13.83 23.25 13.11
N PRO A 140 13.42 24.49 12.77
CA PRO A 140 14.35 25.47 12.17
C PRO A 140 15.59 25.74 13.00
N ASN A 141 16.71 26.03 12.34
CA ASN A 141 17.92 26.46 13.05
C ASN A 141 17.65 27.69 13.90
N ALA B 2 -25.88 -3.83 18.27
CA ALA B 2 -27.32 -3.74 18.02
C ALA B 2 -27.94 -2.60 18.83
N VAL B 3 -27.06 -1.68 19.20
CA VAL B 3 -27.45 -0.32 19.56
C VAL B 3 -27.05 0.53 18.34
N GLU B 4 -26.76 -0.17 17.24
CA GLU B 4 -26.33 0.48 16.01
C GLU B 4 -27.50 0.63 15.02
N SER B 5 -27.52 1.78 14.37
CA SER B 5 -28.46 2.06 13.30
C SER B 5 -28.07 1.20 12.08
N ARG B 6 -29.04 0.83 11.24
CA ARG B 6 -28.71 0.05 10.04
C ARG B 6 -29.42 0.65 8.82
N VAL B 7 -28.93 0.35 7.62
CA VAL B 7 -29.50 0.90 6.38
C VAL B 7 -29.78 -0.22 5.39
N THR B 8 -30.89 -0.09 4.67
CA THR B 8 -31.22 -1.00 3.58
C THR B 8 -31.70 -0.24 2.35
N GLN B 9 -31.39 -0.80 1.19
CA GLN B 9 -31.91 -0.31 -0.08
C GLN B 9 -32.57 -1.50 -0.76
N GLU B 11 -33.59 -3.99 -3.54
CA GLU B 11 -32.75 -4.48 -4.63
C GLU B 11 -33.15 -3.89 -5.98
N ILE B 12 -34.45 -3.65 -6.16
CA ILE B 12 -34.95 -3.07 -7.39
C ILE B 12 -34.34 -1.69 -7.67
N LYS B 13 -33.74 -1.09 -6.65
CA LYS B 13 -33.33 0.31 -6.70
C LYS B 13 -31.82 0.42 -6.82
N LYS B 14 -31.10 -0.64 -6.46
CA LYS B 14 -29.67 -0.65 -6.67
C LYS B 14 -29.44 -0.52 -8.17
N GLU B 15 -28.51 0.35 -8.54
CA GLU B 15 -28.13 0.51 -9.94
C GLU B 15 -27.49 -0.79 -10.45
N PRO B 16 -27.79 -1.16 -11.71
CA PRO B 16 -27.09 -2.32 -12.25
C PRO B 16 -25.57 -2.10 -12.31
N GLU B 17 -24.85 -3.20 -12.16
CA GLU B 17 -23.39 -3.17 -12.13
C GLU B 17 -22.79 -3.17 -13.54
N LYS B 18 -21.88 -2.24 -13.79
CA LYS B 18 -21.19 -2.17 -15.07
C LYS B 18 -19.71 -2.53 -14.87
N PRO B 19 -19.10 -3.18 -15.86
CA PRO B 19 -17.69 -3.60 -15.80
C PRO B 19 -16.70 -2.41 -15.83
N ILE B 20 -15.45 -2.67 -15.43
CA ILE B 20 -14.37 -1.68 -15.50
C ILE B 20 -13.62 -1.80 -16.82
N ASP B 21 -13.34 -0.67 -17.48
CA ASP B 21 -12.46 -0.72 -18.63
C ASP B 21 -11.05 -0.80 -18.08
N ARG B 22 -10.60 -2.03 -17.84
CA ARG B 22 -9.36 -2.25 -17.12
C ARG B 22 -8.17 -1.69 -17.92
N GLU B 23 -8.30 -1.67 -19.24
CA GLU B 23 -7.20 -1.23 -20.11
C GLU B 23 -6.92 0.27 -19.98
N LYS B 24 -7.91 1.02 -19.49
CA LYS B 24 -7.82 2.46 -19.39
C LYS B 24 -7.90 2.93 -17.94
N THR B 25 -7.65 2.01 -17.01
CA THR B 25 -7.85 2.25 -15.61
C THR B 25 -6.66 1.68 -14.84
N CYS B 26 -6.01 2.51 -14.01
CA CYS B 26 -4.92 2.01 -13.16
C CYS B 26 -5.44 1.00 -12.18
N PRO B 27 -4.71 -0.09 -12.01
CA PRO B 27 -5.17 -1.10 -11.06
C PRO B 27 -4.99 -0.62 -9.62
N LEU B 28 -5.79 -1.16 -8.70
CA LEU B 28 -5.68 -0.75 -7.30
C LEU B 28 -4.89 -1.77 -6.54
N LEU B 29 -4.37 -1.35 -5.41
CA LEU B 29 -3.55 -2.22 -4.58
C LEU B 29 -4.46 -2.75 -3.50
N LEU B 30 -4.53 -4.07 -3.42
CA LEU B 30 -5.38 -4.71 -2.45
C LEU B 30 -4.51 -5.54 -1.47
N ARG B 31 -4.56 -5.22 -0.19
CA ARG B 31 -3.87 -6.06 0.80
C ARG B 31 -4.76 -7.23 1.26
N VAL B 32 -4.25 -8.44 1.09
CA VAL B 32 -5.02 -9.66 1.31
C VAL B 32 -4.35 -10.46 2.43
N PHE B 33 -5.14 -10.88 3.41
CA PHE B 33 -4.61 -11.65 4.54
C PHE B 33 -5.30 -13.00 4.51
N THR B 34 -4.52 -14.06 4.74
CA THR B 34 -5.05 -15.42 4.70
C THR B 34 -4.79 -16.19 6.00
N THR B 35 -5.70 -17.10 6.31
CA THR B 35 -5.52 -18.05 7.42
C THR B 35 -5.82 -19.45 6.92
N ASN B 36 -5.41 -20.44 7.69
CA ASN B 36 -5.75 -21.83 7.39
C ASN B 36 -6.26 -22.59 8.61
N ASN B 37 -6.65 -21.90 9.68
CA ASN B 37 -7.07 -22.62 10.90
C ASN B 37 -8.58 -22.76 11.07
N GLY B 38 -9.32 -22.34 10.05
CA GLY B 38 -10.75 -22.43 10.06
C GLY B 38 -11.45 -21.24 10.65
N ARG B 39 -10.74 -20.12 10.79
CA ARG B 39 -11.37 -18.90 11.22
C ARG B 39 -10.71 -17.74 10.48
N HIS B 40 -11.45 -16.66 10.32
CA HIS B 40 -10.85 -15.43 9.88
C HIS B 40 -9.88 -14.90 10.92
N HIS B 41 -9.07 -13.93 10.51
CA HIS B 41 -8.23 -13.21 11.47
C HIS B 41 -9.18 -12.50 12.40
N ARG B 42 -8.76 -12.35 13.66
CA ARG B 42 -9.61 -11.72 14.67
C ARG B 42 -9.43 -10.21 14.57
N MET B 43 -10.42 -9.44 14.99
CA MET B 43 -10.25 -8.00 14.86
C MET B 43 -9.14 -7.41 15.77
N ASP B 44 -8.76 -8.10 16.84
CA ASP B 44 -7.64 -7.62 17.67
C ASP B 44 -6.32 -7.73 16.94
N GLU B 45 -6.27 -8.49 15.86
CA GLU B 45 -5.07 -8.55 15.06
C GLU B 45 -4.92 -7.31 14.17
N PHE B 46 -5.97 -6.48 14.10
CA PHE B 46 -5.88 -5.24 13.33
C PHE B 46 -5.96 -4.03 14.26
N SER B 47 -5.90 -4.24 15.57
CA SER B 47 -6.16 -3.17 16.52
C SER B 47 -4.91 -2.28 16.69
N ARG B 48 -5.14 -0.97 16.80
CA ARG B 48 -4.16 0.09 16.54
C ARG B 48 -3.66 0.17 15.08
N GLY B 49 -2.41 -0.22 14.87
CA GLY B 49 -1.78 -0.10 13.57
C GLY B 49 -1.12 -1.37 13.11
N ASN B 50 -1.29 -2.45 13.86
CA ASN B 50 -0.77 -3.75 13.47
C ASN B 50 -1.65 -4.43 12.38
N VAL B 51 -1.05 -5.30 11.58
CA VAL B 51 -1.77 -6.18 10.69
C VAL B 51 -1.08 -7.52 10.79
N PRO B 52 -1.82 -8.61 10.49
CA PRO B 52 -1.33 -9.98 10.59
C PRO B 52 -0.20 -10.24 9.63
N SER B 53 0.59 -11.26 9.95
CA SER B 53 1.76 -11.57 9.17
C SER B 53 1.40 -12.08 7.78
N SER B 54 0.31 -12.84 7.66
CA SER B 54 0.11 -13.61 6.44
C SER B 54 -0.57 -12.77 5.38
N GLU B 55 0.22 -11.93 4.70
CA GLU B 55 -0.27 -10.92 3.76
C GLU B 55 0.26 -11.10 2.33
N LEU B 56 -0.65 -10.92 1.37
CA LEU B 56 -0.35 -10.91 -0.06
C LEU B 56 -0.74 -9.54 -0.61
N GLN B 57 -0.08 -9.11 -1.69
CA GLN B 57 -0.46 -7.90 -2.38
C GLN B 57 -1.08 -8.27 -3.73
N ILE B 58 -2.26 -7.77 -3.99
CA ILE B 58 -2.94 -8.07 -5.26
C ILE B 58 -3.19 -6.73 -5.97
N TYR B 59 -2.85 -6.68 -7.26
CA TYR B 59 -3.14 -5.52 -8.11
C TYR B 59 -4.26 -5.93 -9.05
N THR B 60 -5.41 -5.27 -8.94
CA THR B 60 -6.64 -5.68 -9.59
C THR B 60 -7.54 -4.46 -9.78
N TRP B 61 -8.77 -4.69 -10.18
CA TRP B 61 -9.74 -3.62 -10.40
C TRP B 61 -10.99 -3.82 -9.57
N MET B 62 -11.90 -2.84 -9.58
CA MET B 62 -13.08 -2.88 -8.72
C MET B 62 -14.08 -3.98 -9.14
N ASP B 63 -13.93 -4.55 -10.33
CA ASP B 63 -14.79 -5.66 -10.75
C ASP B 63 -14.10 -7.03 -10.61
N ALA B 64 -13.09 -7.11 -9.76
CA ALA B 64 -12.41 -8.36 -9.49
C ALA B 64 -13.49 -9.24 -8.92
N THR B 65 -13.51 -10.51 -9.34
CA THR B 65 -14.50 -11.49 -8.80
C THR B 65 -13.91 -12.41 -7.73
N LEU B 66 -14.76 -13.11 -6.98
CA LEU B 66 -14.19 -13.95 -5.93
C LEU B 66 -13.39 -15.06 -6.58
N LYS B 67 -13.85 -15.54 -7.73
CA LYS B 67 -13.16 -16.63 -8.45
C LYS B 67 -11.81 -16.14 -9.01
N GLU B 68 -11.79 -14.89 -9.48
CA GLU B 68 -10.53 -14.26 -9.95
C GLU B 68 -9.49 -14.17 -8.82
N LEU B 69 -9.93 -13.67 -7.68
CA LEU B 69 -9.08 -13.64 -6.50
C LEU B 69 -8.63 -15.01 -5.99
N THR B 70 -9.53 -16.00 -5.98
CA THR B 70 -9.16 -17.37 -5.62
C THR B 70 -8.03 -17.93 -6.47
N SER B 71 -8.07 -17.69 -7.78
CA SER B 71 -7.04 -18.18 -8.67
C SER B 71 -5.69 -17.56 -8.36
N LEU B 72 -5.68 -16.30 -7.95
CA LEU B 72 -4.45 -15.61 -7.58
C LEU B 72 -3.87 -16.22 -6.31
N VAL B 73 -4.75 -16.52 -5.36
CA VAL B 73 -4.33 -17.16 -4.12
C VAL B 73 -3.73 -18.52 -4.43
N LYS B 74 -4.37 -19.25 -5.34
CA LYS B 74 -3.90 -20.59 -5.72
C LYS B 74 -2.53 -20.54 -6.41
N GLU B 75 -2.25 -19.46 -7.12
CA GLU B 75 -0.91 -19.25 -7.70
C GLU B 75 0.20 -19.35 -6.66
N VAL B 76 0.03 -18.58 -5.60
CA VAL B 76 1.02 -18.43 -4.55
C VAL B 76 1.09 -19.64 -3.64
N TYR B 77 -0.07 -20.14 -3.23
CA TYR B 77 -0.14 -21.29 -2.32
C TYR B 77 -0.68 -22.50 -3.03
N PRO B 78 0.21 -23.39 -3.48
CA PRO B 78 -0.41 -24.59 -4.01
C PRO B 78 -0.73 -25.48 -2.82
N GLU B 79 -1.52 -26.52 -3.05
CA GLU B 79 -2.11 -27.28 -1.95
C GLU B 79 -3.42 -26.62 -1.58
N ALA B 80 -3.56 -25.32 -1.90
CA ALA B 80 -4.87 -24.67 -1.82
C ALA B 80 -5.63 -24.93 -3.11
N ARG B 81 -4.96 -25.57 -4.07
CA ARG B 81 -5.60 -25.94 -5.32
C ARG B 81 -6.27 -27.29 -5.29
N LYS B 82 -5.85 -28.12 -4.34
CA LYS B 82 -6.44 -29.44 -4.13
C LYS B 82 -7.94 -29.28 -4.32
N LYS B 83 -8.53 -30.06 -5.22
CA LYS B 83 -9.97 -29.99 -5.43
C LYS B 83 -10.70 -30.06 -4.09
N GLY B 84 -11.75 -29.25 -3.93
CA GLY B 84 -12.51 -29.23 -2.69
C GLY B 84 -12.12 -28.18 -1.65
N THR B 85 -10.93 -27.56 -1.80
CA THR B 85 -10.43 -26.53 -0.87
C THR B 85 -11.43 -25.36 -0.78
N HIS B 86 -11.71 -24.90 0.45
CA HIS B 86 -12.73 -23.86 0.65
C HIS B 86 -12.05 -22.50 0.88
N PHE B 87 -12.57 -21.46 0.24
CA PHE B 87 -12.11 -20.06 0.46
C PHE B 87 -13.28 -19.21 0.92
N ASN B 88 -13.21 -18.73 2.14
CA ASN B 88 -14.26 -17.87 2.69
C ASN B 88 -13.74 -16.44 2.70
N PHE B 89 -14.42 -15.56 1.98
CA PHE B 89 -14.02 -14.18 1.86
C PHE B 89 -14.76 -13.26 2.83
N ALA B 90 -13.99 -12.36 3.46
CA ALA B 90 -14.46 -11.24 4.30
C ALA B 90 -13.72 -9.90 3.98
N ILE B 91 -14.40 -8.81 4.26
CA ILE B 91 -13.82 -7.49 4.15
C ILE B 91 -13.57 -6.98 5.56
N VAL B 92 -12.35 -6.52 5.76
CA VAL B 92 -11.90 -5.86 6.99
C VAL B 92 -11.80 -4.37 6.77
N PHE B 93 -12.57 -3.62 7.55
CA PHE B 93 -12.71 -2.19 7.30
C PHE B 93 -12.81 -1.42 8.60
N MET B 94 -12.41 -0.14 8.57
CA MET B 94 -12.52 0.75 9.73
C MET B 94 -13.98 1.13 9.98
N ASP B 95 -14.42 0.94 11.23
CA ASP B 95 -15.72 1.47 11.67
C ASP B 95 -15.55 2.25 12.97
N GLY B 100 -12.29 1.39 15.56
CA GLY B 100 -11.48 0.22 15.26
C GLY B 100 -12.00 -0.62 14.10
N TYR B 101 -11.36 -1.77 13.88
CA TYR B 101 -11.66 -2.58 12.70
C TYR B 101 -12.77 -3.61 12.90
N ARG B 102 -13.43 -3.91 11.79
CA ARG B 102 -14.52 -4.86 11.71
C ARG B 102 -14.37 -5.76 10.54
N VAL B 103 -15.05 -6.90 10.62
CA VAL B 103 -15.04 -7.85 9.52
C VAL B 103 -16.46 -8.17 9.08
N LYS B 104 -16.66 -8.19 7.76
CA LYS B 104 -17.91 -8.60 7.16
C LYS B 104 -17.63 -9.75 6.21
N GLU B 105 -18.16 -10.93 6.51
CA GLU B 105 -18.09 -12.02 5.53
C GLU B 105 -18.93 -11.64 4.32
N ILE B 106 -18.46 -11.97 3.11
CA ILE B 106 -19.21 -11.65 1.90
C ILE B 106 -19.56 -12.86 1.01
N GLY B 107 -18.74 -13.90 1.02
CA GLY B 107 -19.08 -15.07 0.20
C GLY B 107 -17.93 -16.04 0.18
N SER B 108 -18.12 -17.16 -0.51
CA SER B 108 -17.11 -18.21 -0.55
CA SER B 108 -17.15 -18.25 -0.53
C SER B 108 -17.02 -18.89 -1.90
N THR B 109 -15.88 -19.51 -2.12
CA THR B 109 -15.62 -20.30 -3.33
C THR B 109 -14.94 -21.62 -2.98
N MET B 110 -14.82 -22.50 -3.96
CA MET B 110 -14.19 -23.81 -3.77
C MET B 110 -13.43 -24.23 -5.01
N SER B 111 -12.22 -24.75 -4.84
CA SER B 111 -11.41 -25.16 -5.99
C SER B 111 -11.97 -26.38 -6.73
N GLY B 112 -12.08 -26.28 -8.05
CA GLY B 112 -12.57 -27.37 -8.86
C GLY B 112 -14.09 -27.49 -8.83
N ARG B 113 -14.76 -26.40 -8.48
CA ARG B 113 -16.19 -26.44 -8.47
C ARG B 113 -16.81 -25.08 -8.64
N LYS B 114 -17.82 -25.02 -9.51
CA LYS B 114 -18.56 -23.78 -9.75
C LYS B 114 -19.49 -23.48 -8.58
N GLY B 115 -19.58 -22.21 -8.18
CA GLY B 115 -20.45 -21.82 -7.07
C GLY B 115 -21.19 -20.53 -7.35
N THR B 116 -22.17 -20.22 -6.51
CA THR B 116 -23.11 -19.14 -6.78
C THR B 116 -22.50 -17.74 -6.59
N ASP B 117 -21.49 -17.62 -5.75
CA ASP B 117 -20.83 -16.34 -5.53
C ASP B 117 -19.50 -16.18 -6.30
N ASP B 118 -19.24 -17.07 -7.26
CA ASP B 118 -18.00 -17.00 -8.00
C ASP B 118 -17.87 -15.65 -8.73
N SER B 119 -18.99 -15.07 -9.15
CA SER B 119 -18.98 -13.85 -9.96
C SER B 119 -19.18 -12.60 -9.10
N MET B 120 -19.22 -12.77 -7.79
CA MET B 120 -19.43 -11.66 -6.88
C MET B 120 -18.22 -10.72 -6.89
N THR B 121 -18.48 -9.44 -7.09
CA THR B 121 -17.37 -8.49 -7.26
C THR B 121 -17.11 -7.64 -6.03
N LEU B 122 -15.92 -7.07 -5.97
CA LEU B 122 -15.61 -6.18 -4.86
C LEU B 122 -16.59 -5.02 -4.83
N GLN B 123 -16.95 -4.53 -5.99
CA GLN B 123 -17.78 -3.32 -6.04
C GLN B 123 -19.23 -3.65 -5.67
N SER B 124 -19.71 -4.83 -6.04
CA SER B 124 -21.04 -5.23 -5.61
C SER B 124 -21.11 -5.24 -4.09
N GLN B 125 -19.97 -5.41 -3.44
CA GLN B 125 -19.94 -5.47 -1.98
C GLN B 125 -19.59 -4.14 -1.35
N LYS B 126 -19.54 -3.09 -2.16
CA LYS B 126 -19.24 -1.75 -1.65
C LYS B 126 -17.84 -1.68 -1.06
N PHE B 127 -16.92 -2.46 -1.62
CA PHE B 127 -15.55 -2.45 -1.19
C PHE B 127 -14.97 -1.06 -1.36
N GLN B 128 -14.28 -0.56 -0.35
CA GLN B 128 -13.60 0.71 -0.49
C GLN B 128 -12.08 0.54 -0.47
N ILE B 129 -11.41 1.11 -1.47
CA ILE B 129 -9.96 1.06 -1.56
C ILE B 129 -9.30 1.45 -0.22
N GLY B 130 -8.34 0.65 0.25
CA GLY B 130 -7.76 0.83 1.57
C GLY B 130 -8.28 -0.19 2.59
N ASP B 131 -9.48 -0.69 2.38
CA ASP B 131 -9.99 -1.85 3.13
C ASP B 131 -9.14 -3.06 2.81
N TYR B 132 -9.20 -4.07 3.67
CA TYR B 132 -8.42 -5.27 3.48
C TYR B 132 -9.34 -6.42 3.11
N LEU B 133 -8.78 -7.42 2.45
CA LEU B 133 -9.50 -8.64 2.19
C LEU B 133 -8.92 -9.74 3.08
N ASP B 134 -9.78 -10.50 3.77
CA ASP B 134 -9.34 -11.61 4.62
C ASP B 134 -9.96 -12.92 4.10
N ILE B 135 -9.13 -13.90 3.84
CA ILE B 135 -9.54 -15.14 3.26
C ILE B 135 -9.21 -16.26 4.23
N ALA B 136 -10.26 -16.90 4.74
CA ALA B 136 -10.08 -18.09 5.59
C ALA B 136 -10.13 -19.29 4.70
N ILE B 137 -9.02 -19.97 4.57
CA ILE B 137 -8.93 -21.15 3.73
C ILE B 137 -9.03 -22.42 4.57
N THR B 138 -9.81 -23.39 4.12
CA THR B 138 -9.90 -24.68 4.83
C THR B 138 -9.80 -25.84 3.87
N PRO B 139 -9.26 -26.98 4.33
CA PRO B 139 -9.11 -28.14 3.45
C PRO B 139 -10.42 -28.71 2.93
N PRO B 140 -10.33 -29.62 1.93
CA PRO B 140 -11.46 -30.35 1.34
C PRO B 140 -12.21 -31.28 2.31
C1 GOL C . 4.23 -2.49 0.66
O1 GOL C . 4.00 -2.63 2.05
C2 GOL C . 2.93 -2.23 -0.09
O2 GOL C . 1.79 -2.25 0.75
C3 GOL C . 2.92 -0.90 -0.82
O3 GOL C . 3.49 -1.08 -2.10
H11 GOL C . 4.70 -3.41 0.28
H12 GOL C . 4.92 -1.66 0.49
HO1 GOL C . 4.64 -3.29 2.41
H2 GOL C . 2.83 -3.01 -0.84
HO2 GOL C . 1.72 -3.13 1.19
H31 GOL C . 3.49 -0.16 -0.25
H32 GOL C . 1.90 -0.54 -0.91
HO3 GOL C . 3.43 -0.24 -2.60
C1 GOL D . -1.81 3.70 -18.46
O1 GOL D . -1.72 2.33 -18.77
C2 GOL D . -3.27 4.14 -18.54
O2 GOL D . -4.07 3.26 -17.78
C3 GOL D . -3.39 5.59 -18.03
O3 GOL D . -4.50 5.71 -17.16
H11 GOL D . -1.21 4.27 -19.18
H12 GOL D . -1.42 3.89 -17.47
HO1 GOL D . -0.78 2.05 -18.75
H2 GOL D . -3.59 4.12 -19.58
HO2 GOL D . -3.98 2.35 -18.12
H31 GOL D . -3.51 6.26 -18.87
H32 GOL D . -2.48 5.86 -17.50
HO3 GOL D . -4.52 6.61 -16.79
#